data_4WER
#
_entry.id   4WER
#
_cell.length_a   65.271
_cell.length_b   103.157
_cell.length_c   44.478
_cell.angle_alpha   90.000
_cell.angle_beta   90.000
_cell.angle_gamma   90.000
#
_symmetry.space_group_name_H-M   'P 21 21 2'
#
loop_
_entity.id
_entity.type
_entity.pdbx_description
1 polymer 'Diacylglycerol kinase catalytic domain protein'
2 non-polymer 'ADENOSINE MONOPHOSPHATE'
3 non-polymer 1,2-ETHANEDIOL
4 water water
#
_entity_poly.entity_id   1
_entity_poly.type   'polypeptide(L)'
_entity_poly.pdbx_seq_one_letter_code
;SNA(MSE)KKAVLIVNPSSGGEKAKEFETLAEEKLKQLFDEVVVKQTEKGGDAEQFAREAAESHFDSVFV(MSE)GGDGT
VNEGISGLAEQAYRPKFGFFPLGTVNDLARALNLP(MSE)DPEEAIQQLDLEKTSALDVGKINDDYF(MSE)NVVAIGTI
PESINDVDVEQKTKLGKLAYFISGAKHLANAQTYPFHLSLDQKEQTIESSTVLVGLTNSIGGFETLLPEAQVDDGKLHLV
YLKDQSLWDAVKAVPDLLKGVDQSTDNLVYLTFKEGTISLENQEELTTNVDGDEGAALPITLKILPKHLTVYCGEEQTK
;
_entity_poly.pdbx_strand_id   A
#
loop_
_chem_comp.id
_chem_comp.type
_chem_comp.name
_chem_comp.formula
AMP non-polymer 'ADENOSINE MONOPHOSPHATE' 'C10 H14 N5 O7 P'
EDO non-polymer 1,2-ETHANEDIOL 'C2 H6 O2'
#
# COMPACT_ATOMS: atom_id res chain seq x y z
N ALA A 3 -21.15 24.87 0.68
CA ALA A 3 -21.16 26.17 0.01
C ALA A 3 -20.19 26.21 -1.15
N MSE A 4 -19.09 26.94 -0.98
CA MSE A 4 -18.04 26.98 -1.98
C MSE A 4 -17.24 25.68 -1.96
O MSE A 4 -16.82 25.21 -0.90
CB MSE A 4 -17.12 28.18 -1.75
N LYS A 5 -17.05 25.09 -3.14
CA LYS A 5 -16.27 23.87 -3.29
C LYS A 5 -14.79 24.18 -3.19
N LYS A 6 -14.11 23.61 -2.20
CA LYS A 6 -12.69 23.88 -2.00
C LYS A 6 -11.84 22.61 -2.06
N ALA A 7 -10.65 22.73 -2.62
CA ALA A 7 -9.74 21.59 -2.66
C ALA A 7 -8.34 21.99 -2.22
N VAL A 8 -7.64 21.05 -1.59
N VAL A 8 -7.65 21.06 -1.59
CA VAL A 8 -6.23 21.19 -1.27
CA VAL A 8 -6.24 21.25 -1.32
C VAL A 8 -5.38 20.27 -2.14
C VAL A 8 -5.46 20.31 -2.22
N LEU A 9 -4.35 20.82 -2.76
CA LEU A 9 -3.43 20.01 -3.54
C LEU A 9 -2.13 19.88 -2.76
N ILE A 10 -1.86 18.66 -2.31
CA ILE A 10 -0.64 18.39 -1.54
C ILE A 10 0.44 17.83 -2.45
N VAL A 11 1.52 18.58 -2.58
CA VAL A 11 2.58 18.24 -3.51
C VAL A 11 3.86 17.86 -2.79
N ASN A 12 4.41 16.68 -3.11
CA ASN A 12 5.74 16.32 -2.68
C ASN A 12 6.74 16.64 -3.79
N PRO A 13 7.48 17.75 -3.64
CA PRO A 13 8.42 18.18 -4.68
C PRO A 13 9.55 17.18 -4.93
N SER A 14 9.80 16.28 -3.99
CA SER A 14 10.87 15.30 -4.14
C SER A 14 10.38 14.07 -4.90
N SER A 15 9.07 13.99 -5.10
CA SER A 15 8.51 12.92 -5.92
C SER A 15 8.67 13.26 -7.40
N GLY A 16 8.90 12.26 -8.22
CA GLY A 16 9.00 12.45 -9.66
C GLY A 16 10.32 13.03 -10.09
N GLY A 17 10.41 13.41 -11.36
CA GLY A 17 11.65 13.84 -11.95
C GLY A 17 11.72 15.31 -12.31
N GLU A 18 12.27 15.59 -13.49
CA GLU A 18 12.60 16.94 -13.91
C GLU A 18 11.39 17.86 -14.04
N LYS A 19 10.39 17.43 -14.81
CA LYS A 19 9.24 18.29 -15.09
C LYS A 19 8.09 18.09 -14.09
N ALA A 20 8.41 17.62 -12.89
CA ALA A 20 7.39 17.42 -11.86
C ALA A 20 6.77 18.75 -11.45
N LYS A 21 7.57 19.81 -11.52
CA LYS A 21 7.10 21.15 -11.21
C LYS A 21 6.06 21.59 -12.23
N GLU A 22 6.27 21.19 -13.48
CA GLU A 22 5.32 21.49 -14.55
C GLU A 22 4.02 20.70 -14.35
N PHE A 23 4.14 19.48 -13.83
CA PHE A 23 2.96 18.68 -13.54
C PHE A 23 2.11 19.34 -12.46
N GLU A 24 2.77 20.00 -11.52
CA GLU A 24 2.09 20.72 -10.46
C GLU A 24 1.24 21.84 -11.04
N THR A 25 1.80 22.56 -12.00
CA THR A 25 1.11 23.66 -12.65
C THR A 25 -0.13 23.18 -13.41
N LEU A 26 0.01 22.09 -14.16
CA LEU A 26 -1.12 21.50 -14.88
C LEU A 26 -2.23 21.10 -13.91
N ALA A 27 -1.86 20.46 -12.82
CA ALA A 27 -2.83 19.98 -11.83
C ALA A 27 -3.55 21.15 -11.17
N GLU A 28 -2.80 22.20 -10.87
CA GLU A 28 -3.38 23.36 -10.22
C GLU A 28 -4.38 24.06 -11.14
N GLU A 29 -4.03 24.23 -12.41
CA GLU A 29 -4.94 24.89 -13.34
C GLU A 29 -6.15 24.01 -13.67
N LYS A 30 -5.96 22.70 -13.66
CA LYS A 30 -7.09 21.78 -13.83
C LYS A 30 -8.05 21.89 -12.64
N LEU A 31 -7.51 21.86 -11.42
CA LEU A 31 -8.36 21.94 -10.23
C LEU A 31 -9.08 23.28 -10.15
N LYS A 32 -8.45 24.34 -10.65
CA LYS A 32 -9.06 25.66 -10.63
C LYS A 32 -10.26 25.74 -11.58
N GLN A 33 -10.34 24.82 -12.53
CA GLN A 33 -11.50 24.75 -13.39
C GLN A 33 -12.65 24.08 -12.67
N LEU A 34 -12.30 23.24 -11.70
CA LEU A 34 -13.27 22.37 -11.03
C LEU A 34 -13.68 22.89 -9.64
N PHE A 35 -12.82 23.67 -9.03
CA PHE A 35 -13.04 24.15 -7.66
C PHE A 35 -12.95 25.66 -7.56
N ASP A 36 -13.83 26.26 -6.78
N ASP A 36 -13.83 26.24 -6.76
CA ASP A 36 -13.83 27.71 -6.60
CA ASP A 36 -13.87 27.68 -6.56
C ASP A 36 -12.54 28.17 -5.93
C ASP A 36 -12.58 28.18 -5.91
N GLU A 37 -12.00 27.35 -5.04
CA GLU A 37 -10.75 27.68 -4.38
C GLU A 37 -9.82 26.46 -4.34
N VAL A 38 -8.55 26.69 -4.64
CA VAL A 38 -7.55 25.63 -4.59
C VAL A 38 -6.37 26.06 -3.75
N VAL A 39 -6.10 25.32 -2.69
CA VAL A 39 -4.95 25.58 -1.83
C VAL A 39 -3.83 24.61 -2.16
N VAL A 40 -2.66 25.14 -2.49
CA VAL A 40 -1.53 24.28 -2.84
C VAL A 40 -0.54 24.21 -1.68
N LYS A 41 -0.31 23.00 -1.16
CA LYS A 41 0.60 22.78 -0.04
C LYS A 41 1.74 21.87 -0.44
N GLN A 42 2.97 22.30 -0.18
CA GLN A 42 4.13 21.47 -0.51
C GLN A 42 4.74 20.83 0.74
N THR A 43 4.95 19.53 0.68
CA THR A 43 5.54 18.82 1.81
C THR A 43 7.03 19.14 1.91
N GLU A 44 7.55 19.14 3.13
CA GLU A 44 8.96 19.41 3.35
C GLU A 44 9.62 18.27 4.12
N LYS A 45 8.80 17.52 4.86
CA LYS A 45 9.31 16.46 5.70
C LYS A 45 8.24 15.41 5.96
N GLY A 46 8.63 14.31 6.62
CA GLY A 46 7.68 13.29 6.98
C GLY A 46 6.60 13.85 7.88
N GLY A 47 5.35 13.50 7.59
CA GLY A 47 4.25 13.92 8.41
C GLY A 47 3.47 15.09 7.85
N ASP A 48 4.11 15.89 7.01
CA ASP A 48 3.47 17.09 6.45
C ASP A 48 2.19 16.77 5.70
N ALA A 49 2.25 15.77 4.83
CA ALA A 49 1.09 15.42 4.02
C ALA A 49 -0.08 14.98 4.91
N GLU A 50 0.21 14.19 5.93
CA GLU A 50 -0.80 13.77 6.88
C GLU A 50 -1.42 14.96 7.61
N GLN A 51 -0.57 15.90 8.03
CA GLN A 51 -1.03 17.09 8.71
C GLN A 51 -1.89 17.96 7.79
N PHE A 52 -1.46 18.13 6.54
CA PHE A 52 -2.24 18.92 5.58
C PHE A 52 -3.61 18.30 5.29
N ALA A 53 -3.63 16.99 5.12
CA ALA A 53 -4.88 16.28 4.81
C ALA A 53 -5.85 16.38 5.99
N ARG A 54 -5.33 16.22 7.21
CA ARG A 54 -6.17 16.30 8.40
C ARG A 54 -6.74 17.71 8.58
N GLU A 55 -5.90 18.72 8.38
CA GLU A 55 -6.35 20.10 8.48
C GLU A 55 -7.41 20.39 7.42
N ALA A 56 -7.29 19.78 6.25
CA ALA A 56 -8.28 19.96 5.19
C ALA A 56 -9.61 19.33 5.61
N ALA A 57 -9.55 18.19 6.28
CA ALA A 57 -10.75 17.53 6.77
C ALA A 57 -11.43 18.38 7.86
N GLU A 58 -10.64 18.82 8.84
CA GLU A 58 -11.15 19.69 9.91
C GLU A 58 -11.77 20.99 9.36
N SER A 59 -11.29 21.45 8.22
CA SER A 59 -11.83 22.66 7.61
C SER A 59 -12.97 22.35 6.66
N HIS A 60 -13.33 21.08 6.56
CA HIS A 60 -14.43 20.62 5.70
C HIS A 60 -14.22 21.00 4.23
N PHE A 61 -13.01 20.80 3.74
CA PHE A 61 -12.75 20.93 2.31
C PHE A 61 -13.51 19.85 1.55
N ASP A 62 -13.94 20.15 0.34
CA ASP A 62 -14.65 19.17 -0.46
C ASP A 62 -13.75 18.01 -0.84
N SER A 63 -12.54 18.34 -1.28
CA SER A 63 -11.64 17.33 -1.81
C SER A 63 -10.19 17.57 -1.40
N VAL A 64 -9.45 16.47 -1.29
CA VAL A 64 -8.02 16.49 -1.02
C VAL A 64 -7.31 15.73 -2.14
N PHE A 65 -6.31 16.37 -2.75
CA PHE A 65 -5.54 15.73 -3.81
C PHE A 65 -4.08 15.63 -3.42
N VAL A 66 -3.46 14.48 -3.70
CA VAL A 66 -2.03 14.29 -3.44
C VAL A 66 -1.26 14.11 -4.73
N MSE A 67 -0.20 14.89 -4.90
CA MSE A 67 0.73 14.64 -5.99
C MSE A 67 2.04 14.14 -5.42
O MSE A 67 2.84 14.91 -4.88
CB MSE A 67 0.94 15.91 -6.82
CG MSE A 67 2.04 15.75 -7.86
SE MSE A 67 2.09 17.19 -9.17
CE MSE A 67 0.56 16.67 -10.24
N GLY A 68 2.26 12.84 -5.52
CA GLY A 68 3.50 12.25 -5.03
C GLY A 68 3.52 10.75 -5.23
N GLY A 69 4.39 10.08 -4.47
CA GLY A 69 4.47 8.64 -4.53
C GLY A 69 3.58 8.00 -3.49
N ASP A 70 3.87 6.74 -3.16
CA ASP A 70 3.06 5.99 -2.22
C ASP A 70 3.20 6.51 -0.79
N GLY A 71 4.39 6.97 -0.44
CA GLY A 71 4.62 7.53 0.87
C GLY A 71 3.71 8.71 1.15
N THR A 72 3.57 9.59 0.17
CA THR A 72 2.76 10.79 0.35
C THR A 72 1.26 10.46 0.30
N VAL A 73 0.89 9.52 -0.56
CA VAL A 73 -0.49 9.04 -0.61
C VAL A 73 -0.91 8.38 0.71
N ASN A 74 -0.05 7.54 1.28
CA ASN A 74 -0.33 6.94 2.58
C ASN A 74 -0.57 7.98 3.66
N GLU A 75 0.33 8.96 3.75
CA GLU A 75 0.21 10.04 4.72
C GLU A 75 -1.11 10.78 4.53
N GLY A 76 -1.42 11.12 3.28
CA GLY A 76 -2.65 11.85 2.98
C GLY A 76 -3.86 11.08 3.44
N ILE A 77 -3.90 9.80 3.11
CA ILE A 77 -5.02 8.95 3.50
C ILE A 77 -5.06 8.79 5.02
N SER A 78 -3.90 8.68 5.64
CA SER A 78 -3.80 8.60 7.10
C SER A 78 -4.36 9.83 7.80
N GLY A 79 -4.21 10.99 7.17
CA GLY A 79 -4.73 12.22 7.74
C GLY A 79 -6.25 12.31 7.66
N LEU A 80 -6.83 11.57 6.73
CA LEU A 80 -8.28 11.58 6.55
C LEU A 80 -8.97 10.52 7.39
N ALA A 81 -8.26 9.41 7.61
CA ALA A 81 -8.85 8.19 8.16
C ALA A 81 -9.57 8.42 9.48
N GLU A 82 -10.81 7.94 9.53
CA GLU A 82 -11.68 7.95 10.71
C GLU A 82 -12.01 9.35 11.23
N GLN A 83 -11.75 10.36 10.39
CA GLN A 83 -12.27 11.69 10.67
C GLN A 83 -13.79 11.69 10.50
N ALA A 84 -14.48 12.47 11.31
CA ALA A 84 -15.94 12.51 11.30
C ALA A 84 -16.46 12.93 9.93
N TYR A 85 -15.79 13.92 9.35
CA TYR A 85 -16.04 14.29 7.96
C TYR A 85 -14.77 14.02 7.15
N ARG A 86 -14.92 13.34 6.02
CA ARG A 86 -13.77 13.04 5.18
C ARG A 86 -13.98 13.58 3.78
N PRO A 87 -13.10 14.50 3.35
CA PRO A 87 -13.06 14.97 1.97
C PRO A 87 -12.93 13.80 1.00
N LYS A 88 -13.43 13.97 -0.21
CA LYS A 88 -13.12 13.05 -1.28
C LYS A 88 -11.63 13.11 -1.57
N PHE A 89 -11.05 11.99 -2.00
CA PHE A 89 -9.61 11.91 -2.15
C PHE A 89 -9.22 11.62 -3.59
N GLY A 90 -8.21 12.32 -4.08
CA GLY A 90 -7.71 12.06 -5.42
C GLY A 90 -6.20 12.12 -5.40
N PHE A 91 -5.57 11.56 -6.41
CA PHE A 91 -4.12 11.67 -6.46
C PHE A 91 -3.57 11.54 -7.87
N PHE A 92 -2.42 12.17 -8.06
CA PHE A 92 -1.72 12.14 -9.33
C PHE A 92 -0.36 11.50 -9.08
N PRO A 93 -0.18 10.28 -9.58
CA PRO A 93 1.00 9.47 -9.28
C PRO A 93 2.28 10.04 -9.90
N LEU A 94 3.28 10.31 -9.06
CA LEU A 94 4.57 10.78 -9.52
C LEU A 94 5.64 9.75 -9.21
N GLY A 95 5.31 8.84 -8.30
CA GLY A 95 6.26 7.85 -7.83
C GLY A 95 6.79 6.90 -8.88
N THR A 96 7.62 5.96 -8.43
CA THR A 96 8.24 4.98 -9.31
C THR A 96 7.42 3.70 -9.38
N VAL A 97 6.47 3.57 -8.45
CA VAL A 97 5.69 2.34 -8.33
C VAL A 97 4.19 2.61 -8.41
N ASN A 98 3.66 3.36 -7.44
CA ASN A 98 2.26 3.77 -7.43
C ASN A 98 1.27 2.60 -7.48
N ASP A 99 1.25 1.77 -6.44
CA ASP A 99 0.39 0.60 -6.39
C ASP A 99 -1.10 0.95 -6.41
N LEU A 100 -1.47 2.00 -5.69
CA LEU A 100 -2.86 2.40 -5.61
C LEU A 100 -3.40 2.85 -6.97
N ALA A 101 -2.58 3.61 -7.69
CA ALA A 101 -2.92 4.02 -9.05
C ALA A 101 -3.25 2.81 -9.93
N ARG A 102 -2.43 1.78 -9.82
CA ARG A 102 -2.62 0.55 -10.58
C ARG A 102 -3.95 -0.10 -10.22
N ALA A 103 -4.24 -0.15 -8.92
CA ALA A 103 -5.45 -0.79 -8.42
C ALA A 103 -6.71 -0.06 -8.89
N LEU A 104 -6.62 1.25 -9.05
CA LEU A 104 -7.77 2.07 -9.47
C LEU A 104 -7.81 2.29 -10.98
N ASN A 105 -6.89 1.66 -11.69
CA ASN A 105 -6.75 1.81 -13.14
C ASN A 105 -6.60 3.27 -13.57
N LEU A 106 -5.79 4.01 -12.83
CA LEU A 106 -5.40 5.36 -13.24
C LEU A 106 -4.28 5.29 -14.26
N PRO A 107 -4.21 6.27 -15.17
CA PRO A 107 -3.08 6.34 -16.10
C PRO A 107 -1.76 6.48 -15.35
N MSE A 108 -0.71 5.84 -15.82
N MSE A 108 -0.73 5.79 -15.82
N MSE A 108 -0.73 5.81 -15.82
CA MSE A 108 0.58 5.91 -15.13
CA MSE A 108 0.58 5.88 -15.20
CA MSE A 108 0.59 5.88 -15.19
C MSE A 108 1.35 7.16 -15.55
C MSE A 108 1.17 7.27 -15.42
C MSE A 108 1.26 7.22 -15.47
O MSE A 108 2.39 7.48 -14.96
O MSE A 108 1.86 7.81 -14.56
O MSE A 108 2.11 7.68 -14.70
CB MSE A 108 1.40 4.65 -15.39
CB MSE A 108 1.53 4.82 -15.79
CB MSE A 108 1.48 4.73 -15.70
CG MSE A 108 2.27 4.24 -14.20
CG MSE A 108 0.89 3.46 -15.99
CG MSE A 108 2.60 4.34 -14.75
SE MSE A 108 1.26 3.99 -12.54
SE MSE A 108 2.18 2.14 -16.63
SE MSE A 108 1.96 3.42 -13.15
CE MSE A 108 -0.08 2.73 -13.19
CE MSE A 108 3.07 3.22 -17.99
CE MSE A 108 1.02 1.95 -14.01
N ASP A 109 0.85 7.85 -16.57
CA ASP A 109 1.38 9.16 -16.94
C ASP A 109 0.63 10.27 -16.21
N PRO A 110 1.36 11.10 -15.44
CA PRO A 110 0.80 12.19 -14.63
C PRO A 110 -0.05 13.16 -15.45
N GLU A 111 0.43 13.55 -16.62
CA GLU A 111 -0.31 14.49 -17.45
C GLU A 111 -1.66 13.89 -17.84
N GLU A 112 -1.66 12.62 -18.22
CA GLU A 112 -2.89 11.93 -18.57
C GLU A 112 -3.84 11.80 -17.37
N ALA A 113 -3.28 11.54 -16.20
CA ALA A 113 -4.08 11.41 -14.98
C ALA A 113 -4.80 12.72 -14.65
N ILE A 114 -4.09 13.83 -14.82
CA ILE A 114 -4.66 15.15 -14.62
C ILE A 114 -5.76 15.41 -15.64
N GLN A 115 -5.46 15.14 -16.90
CA GLN A 115 -6.38 15.33 -18.00
C GLN A 115 -7.70 14.56 -17.81
N GLN A 116 -7.60 13.34 -17.31
CA GLN A 116 -8.77 12.48 -17.24
C GLN A 116 -9.50 12.54 -15.89
N LEU A 117 -9.11 13.49 -15.04
CA LEU A 117 -9.79 13.63 -13.75
C LEU A 117 -11.26 14.00 -13.94
N ASP A 118 -12.14 13.16 -13.41
CA ASP A 118 -13.58 13.38 -13.53
C ASP A 118 -14.22 13.28 -12.15
N LEU A 119 -14.75 14.40 -11.66
CA LEU A 119 -15.31 14.44 -10.31
C LEU A 119 -16.49 13.47 -10.14
N GLU A 120 -17.11 13.10 -11.26
CA GLU A 120 -18.24 12.18 -11.25
C GLU A 120 -17.78 10.72 -11.18
N LYS A 121 -16.52 10.48 -11.53
CA LYS A 121 -16.00 9.11 -11.58
C LYS A 121 -15.29 8.77 -10.28
N THR A 122 -16.02 8.13 -9.37
CA THR A 122 -15.49 7.80 -8.07
C THR A 122 -15.67 6.32 -7.75
N SER A 123 -15.02 5.90 -6.67
CA SER A 123 -15.12 4.54 -6.17
C SER A 123 -14.99 4.59 -4.67
N ALA A 124 -15.66 3.68 -3.97
CA ALA A 124 -15.40 3.50 -2.55
C ALA A 124 -14.00 2.91 -2.40
N LEU A 125 -13.34 3.19 -1.28
CA LEU A 125 -11.99 2.65 -1.05
C LEU A 125 -11.83 2.19 0.39
N ASP A 126 -11.57 0.89 0.57
CA ASP A 126 -11.22 0.34 1.88
C ASP A 126 -9.95 0.99 2.37
N VAL A 127 -9.80 1.13 3.68
CA VAL A 127 -8.54 1.60 4.26
C VAL A 127 -8.14 0.60 5.33
N GLY A 128 -6.85 0.32 5.46
CA GLY A 128 -6.37 -0.58 6.49
C GLY A 128 -6.01 0.15 7.77
N LYS A 129 -6.23 -0.50 8.90
CA LYS A 129 -5.78 0.04 10.17
C LYS A 129 -4.87 -0.96 10.86
N ILE A 130 -3.72 -0.48 11.32
CA ILE A 130 -2.78 -1.31 12.06
C ILE A 130 -2.44 -0.62 13.37
N ASN A 131 -2.84 -1.23 14.49
CA ASN A 131 -2.81 -0.60 15.79
C ASN A 131 -3.36 0.82 15.69
N ASP A 132 -2.53 1.82 15.94
CA ASP A 132 -3.01 3.20 15.90
C ASP A 132 -2.80 3.88 14.54
N ASP A 133 -2.21 3.18 13.59
CA ASP A 133 -1.88 3.77 12.29
C ASP A 133 -2.72 3.19 11.14
N TYR A 134 -2.47 3.70 9.94
CA TYR A 134 -3.25 3.26 8.78
C TYR A 134 -2.33 2.81 7.66
N PHE A 135 -2.82 1.92 6.80
CA PHE A 135 -2.06 1.53 5.63
C PHE A 135 -2.98 1.40 4.44
N MSE A 136 -2.40 1.50 3.25
N MSE A 136 -2.41 1.55 3.25
CA MSE A 136 -3.20 1.57 2.04
CA MSE A 136 -3.19 1.59 2.02
C MSE A 136 -2.80 0.49 1.05
C MSE A 136 -2.86 0.41 1.12
O MSE A 136 -3.50 0.24 0.07
O MSE A 136 -3.65 0.02 0.27
CB MSE A 136 -3.06 2.95 1.42
CB MSE A 136 -2.93 2.90 1.27
CG MSE A 136 -4.18 3.33 0.50
CG MSE A 136 -1.77 2.81 0.28
SE MSE A 136 -5.89 2.99 1.33
SE MSE A 136 -0.67 4.41 0.14
CE MSE A 136 -6.40 1.50 0.18
CE MSE A 136 1.08 3.58 0.25
N ASN A 137 -1.66 -0.15 1.31
CA ASN A 137 -1.15 -1.14 0.39
C ASN A 137 -0.80 -2.45 1.08
N VAL A 138 0.17 -2.41 2.00
CA VAL A 138 0.68 -3.66 2.55
C VAL A 138 1.32 -3.51 3.93
N VAL A 139 1.10 -4.53 4.76
CA VAL A 139 1.88 -4.70 5.97
C VAL A 139 2.75 -5.93 5.75
N ALA A 140 4.06 -5.73 5.73
CA ALA A 140 4.99 -6.83 5.52
C ALA A 140 5.69 -7.19 6.82
N ILE A 141 5.75 -8.48 7.11
CA ILE A 141 6.38 -8.95 8.32
C ILE A 141 7.49 -9.95 7.99
N GLY A 142 8.70 -9.64 8.44
CA GLY A 142 9.85 -10.52 8.27
C GLY A 142 10.55 -10.44 6.93
N THR A 143 10.29 -9.37 6.17
CA THR A 143 10.80 -9.27 4.80
C THR A 143 12.11 -8.49 4.67
N ILE A 144 12.55 -7.85 5.75
CA ILE A 144 13.77 -7.05 5.67
C ILE A 144 14.68 -7.29 6.86
N LYS A 158 27.18 -6.12 -10.65
N LYS A 158 27.92 -10.54 -14.55
CA LYS A 158 27.89 -6.21 -11.92
CA LYS A 158 28.74 -11.70 -14.86
C LYS A 158 27.74 -7.59 -12.55
C LYS A 158 27.86 -12.93 -15.11
N LEU A 159 26.67 -8.29 -12.19
N LEU A 159 26.82 -13.08 -14.28
CA LEU A 159 26.45 -9.65 -12.67
CA LEU A 159 25.82 -14.11 -14.49
C LEU A 159 25.12 -9.78 -13.40
C LEU A 159 24.53 -13.48 -15.00
N GLY A 160 24.93 -10.91 -14.10
N GLY A 160 24.55 -12.16 -15.14
CA GLY A 160 23.82 -11.10 -15.01
CA GLY A 160 23.44 -11.42 -15.68
C GLY A 160 22.43 -11.24 -14.40
C GLY A 160 22.15 -11.57 -14.88
N LYS A 161 21.51 -11.83 -15.17
N LYS A 161 21.11 -12.06 -15.54
CA LYS A 161 20.12 -11.98 -14.75
CA LYS A 161 19.79 -12.19 -14.93
C LYS A 161 19.96 -13.08 -13.71
C LYS A 161 19.75 -13.28 -13.87
N LEU A 162 20.75 -14.14 -13.84
CA LEU A 162 20.79 -15.21 -12.86
C LEU A 162 21.17 -14.69 -11.48
N ALA A 163 21.92 -13.60 -11.46
CA ALA A 163 22.45 -13.03 -10.22
C ALA A 163 21.34 -12.62 -9.26
N TYR A 164 20.19 -12.25 -9.82
CA TYR A 164 19.05 -11.85 -9.02
C TYR A 164 18.59 -12.95 -8.07
N PHE A 165 18.68 -14.19 -8.51
CA PHE A 165 18.35 -15.33 -7.66
C PHE A 165 19.46 -15.61 -6.66
N ILE A 166 20.67 -15.78 -7.16
CA ILE A 166 21.82 -16.06 -6.31
C ILE A 166 21.93 -15.01 -5.19
N SER A 167 21.47 -13.79 -5.48
CA SER A 167 21.33 -12.78 -4.44
C SER A 167 20.00 -12.96 -3.71
N GLY A 168 18.92 -13.08 -4.48
CA GLY A 168 17.58 -13.13 -3.92
C GLY A 168 17.15 -14.47 -3.35
N ALA A 169 17.35 -15.54 -4.11
CA ALA A 169 17.00 -16.86 -3.63
C ALA A 169 17.82 -17.21 -2.40
N LYS A 170 19.05 -16.71 -2.36
CA LYS A 170 19.88 -16.82 -1.17
C LYS A 170 19.25 -16.06 -0.01
N HIS A 171 19.04 -14.75 -0.20
CA HIS A 171 18.58 -13.85 0.86
C HIS A 171 17.34 -14.33 1.62
N LEU A 172 16.51 -15.13 0.94
N LEU A 172 16.61 -15.28 1.03
CA LEU A 172 15.20 -15.51 1.46
CA LEU A 172 15.63 -16.06 1.78
C LEU A 172 15.25 -16.89 2.07
C LEU A 172 16.28 -16.76 2.99
N ALA A 173 16.25 -17.66 1.66
N ALA A 173 17.50 -17.28 2.81
CA ALA A 173 16.49 -18.96 2.26
CA ALA A 173 18.23 -17.93 3.90
C ALA A 173 17.25 -18.79 3.58
C ALA A 173 18.42 -16.98 5.07
N ASN A 174 17.79 -17.59 3.79
N ASN A 174 18.84 -15.75 4.74
CA ASN A 174 18.59 -17.29 4.97
CA ASN A 174 19.01 -14.70 5.74
C ASN A 174 17.87 -16.43 5.99
C ASN A 174 17.71 -14.37 6.47
N ALA A 175 16.68 -15.95 5.65
N ALA A 175 16.60 -14.88 5.96
CA ALA A 175 15.88 -15.14 6.57
CA ALA A 175 15.30 -14.66 6.59
C ALA A 175 15.44 -15.98 7.76
C ALA A 175 14.99 -15.73 7.64
N GLN A 176 15.15 -15.33 8.89
CA GLN A 176 14.73 -16.08 10.07
C GLN A 176 13.26 -16.50 9.99
N THR A 177 12.94 -17.67 10.52
CA THR A 177 11.53 -18.02 10.69
C THR A 177 11.07 -17.62 12.08
N TYR A 178 9.80 -17.30 12.21
CA TYR A 178 9.22 -16.91 13.48
C TYR A 178 8.02 -17.76 13.82
N PRO A 179 7.79 -18.00 15.12
CA PRO A 179 6.56 -18.64 15.58
C PRO A 179 5.43 -17.62 15.70
N PHE A 180 4.75 -17.34 14.59
CA PHE A 180 3.66 -16.38 14.60
C PHE A 180 2.39 -17.01 15.15
N HIS A 181 1.62 -16.24 15.91
CA HIS A 181 0.26 -16.65 16.19
C HIS A 181 -0.70 -15.75 15.45
N LEU A 182 -1.64 -16.36 14.73
CA LEU A 182 -2.63 -15.61 13.99
C LEU A 182 -4.01 -15.79 14.61
N SER A 183 -4.59 -14.69 15.05
CA SER A 183 -5.95 -14.71 15.56
C SER A 183 -6.82 -13.92 14.59
N LEU A 184 -7.42 -14.62 13.62
CA LEU A 184 -8.10 -13.93 12.52
C LEU A 184 -9.58 -14.26 12.48
N ASP A 185 -10.42 -13.24 12.58
CA ASP A 185 -11.88 -13.39 12.64
C ASP A 185 -12.28 -14.52 13.59
N GLN A 186 -11.68 -14.52 14.78
CA GLN A 186 -11.99 -15.48 15.82
C GLN A 186 -11.57 -16.92 15.45
N LYS A 187 -10.72 -17.06 14.45
CA LYS A 187 -10.06 -18.34 14.16
C LYS A 187 -8.60 -18.25 14.60
N GLU A 188 -8.12 -19.29 15.28
CA GLU A 188 -6.79 -19.26 15.89
C GLU A 188 -5.83 -20.26 15.26
N GLN A 189 -4.64 -19.81 14.87
CA GLN A 189 -3.61 -20.76 14.45
C GLN A 189 -2.18 -20.25 14.64
N THR A 190 -1.31 -21.17 15.01
CA THR A 190 0.11 -20.89 15.12
C THR A 190 0.82 -21.44 13.90
N ILE A 191 1.67 -20.61 13.31
CA ILE A 191 2.44 -20.99 12.12
C ILE A 191 3.92 -20.74 12.37
N GLU A 192 4.77 -21.32 11.54
CA GLU A 192 6.17 -20.97 11.56
C GLU A 192 6.55 -20.50 10.17
N SER A 193 6.96 -19.24 10.06
CA SER A 193 7.19 -18.65 8.75
C SER A 193 8.21 -17.52 8.79
N SER A 194 8.86 -17.28 7.66
CA SER A 194 9.82 -16.19 7.55
C SER A 194 9.16 -14.93 6.98
N THR A 195 7.98 -15.09 6.39
CA THR A 195 7.40 -14.02 5.59
C THR A 195 5.88 -13.98 5.69
N VAL A 196 5.36 -12.84 6.16
CA VAL A 196 3.92 -12.62 6.20
C VAL A 196 3.60 -11.29 5.51
N LEU A 197 2.63 -11.32 4.61
CA LEU A 197 2.17 -10.11 3.91
C LEU A 197 0.67 -9.94 4.09
N VAL A 198 0.25 -8.71 4.39
CA VAL A 198 -1.17 -8.40 4.48
C VAL A 198 -1.47 -7.24 3.55
N GLY A 199 -2.29 -7.49 2.53
CA GLY A 199 -2.56 -6.48 1.52
C GLY A 199 -4.02 -6.09 1.40
N LEU A 200 -4.25 -4.96 0.75
CA LEU A 200 -5.57 -4.38 0.59
C LEU A 200 -6.07 -4.49 -0.83
N THR A 201 -5.13 -4.49 -1.77
CA THR A 201 -5.44 -4.43 -3.19
C THR A 201 -4.67 -5.49 -3.97
N ASN A 202 -4.90 -5.54 -5.26
CA ASN A 202 -4.29 -6.55 -6.12
C ASN A 202 -2.81 -6.31 -6.36
N SER A 203 -2.37 -5.08 -6.14
CA SER A 203 -1.03 -4.67 -6.50
C SER A 203 -0.18 -4.38 -5.27
N ILE A 204 1.01 -4.96 -5.22
CA ILE A 204 1.94 -4.72 -4.12
C ILE A 204 3.36 -4.57 -4.65
N GLY A 205 3.97 -3.42 -4.36
CA GLY A 205 5.34 -3.16 -4.78
C GLY A 205 5.48 -3.08 -6.29
N GLY A 206 4.37 -2.80 -6.98
CA GLY A 206 4.40 -2.67 -8.41
C GLY A 206 4.09 -3.97 -9.14
N PHE A 207 3.88 -5.03 -8.37
CA PHE A 207 3.50 -6.30 -8.97
C PHE A 207 1.98 -6.40 -8.96
N GLU A 208 1.38 -6.10 -10.11
CA GLU A 208 -0.07 -5.91 -10.20
C GLU A 208 -0.89 -7.17 -10.07
N THR A 209 -0.26 -8.33 -10.27
CA THR A 209 -1.01 -9.58 -10.25
C THR A 209 -0.76 -10.40 -8.99
N LEU A 210 -0.14 -9.79 -7.99
CA LEU A 210 0.23 -10.54 -6.79
C LEU A 210 -0.99 -11.10 -6.08
N LEU A 211 -2.00 -10.24 -5.89
CA LEU A 211 -3.26 -10.65 -5.26
C LEU A 211 -4.43 -10.42 -6.21
N PRO A 212 -4.55 -11.27 -7.25
CA PRO A 212 -5.51 -11.02 -8.34
C PRO A 212 -6.97 -10.94 -7.90
N GLU A 213 -7.32 -11.56 -6.79
CA GLU A 213 -8.70 -11.59 -6.34
C GLU A 213 -9.04 -10.41 -5.41
N ALA A 214 -8.02 -9.69 -4.95
CA ALA A 214 -8.27 -8.57 -4.07
C ALA A 214 -8.85 -7.38 -4.83
N GLN A 215 -9.88 -6.77 -4.27
CA GLN A 215 -10.47 -5.56 -4.84
C GLN A 215 -10.43 -4.44 -3.81
N VAL A 216 -10.30 -3.19 -4.30
CA VAL A 216 -10.10 -2.04 -3.41
C VAL A 216 -11.27 -1.81 -2.48
N ASP A 217 -12.43 -2.39 -2.81
CA ASP A 217 -13.61 -2.21 -2.00
C ASP A 217 -14.28 -3.55 -1.66
N ASP A 218 -13.51 -4.63 -1.61
CA ASP A 218 -14.11 -5.92 -1.27
C ASP A 218 -14.27 -6.09 0.24
N GLY A 219 -13.75 -5.14 1.01
CA GLY A 219 -13.95 -5.13 2.45
C GLY A 219 -13.12 -6.17 3.19
N LYS A 220 -12.04 -6.62 2.57
CA LYS A 220 -11.21 -7.65 3.20
C LYS A 220 -9.74 -7.26 3.23
N LEU A 221 -9.03 -7.78 4.23
CA LEU A 221 -7.58 -7.79 4.23
C LEU A 221 -7.16 -9.15 3.66
N HIS A 222 -6.09 -9.15 2.88
CA HIS A 222 -5.65 -10.37 2.22
C HIS A 222 -4.29 -10.78 2.76
N LEU A 223 -4.22 -11.96 3.35
CA LEU A 223 -2.99 -12.40 3.99
C LEU A 223 -2.35 -13.54 3.22
N VAL A 224 -1.04 -13.43 3.03
CA VAL A 224 -0.24 -14.51 2.46
C VAL A 224 0.93 -14.79 3.40
N TYR A 225 1.19 -16.06 3.70
CA TYR A 225 2.44 -16.38 4.38
C TYR A 225 3.09 -17.59 3.75
N LEU A 226 4.41 -17.64 3.83
CA LEU A 226 5.18 -18.74 3.26
C LEU A 226 5.24 -19.89 4.25
N LYS A 227 5.09 -21.11 3.76
CA LYS A 227 5.09 -22.28 4.62
C LYS A 227 6.51 -22.82 4.78
N ASP A 228 7.49 -21.92 4.81
N ASP A 228 7.47 -21.90 4.79
CA ASP A 228 8.86 -22.35 5.01
CA ASP A 228 8.87 -22.28 4.78
C ASP A 228 9.18 -22.50 6.50
C ASP A 228 9.43 -22.46 6.19
N GLN A 229 9.20 -23.74 6.96
N GLN A 229 10.25 -23.48 6.34
CA GLN A 229 9.66 -24.03 8.31
CA GLN A 229 11.07 -23.63 7.53
C GLN A 229 11.13 -24.40 8.21
C GLN A 229 12.52 -23.60 7.08
N SER A 230 11.55 -24.80 7.01
N SER A 230 12.76 -24.25 5.94
CA SER A 230 12.93 -25.12 6.71
CA SER A 230 14.08 -24.26 5.32
C SER A 230 13.64 -23.93 6.07
C SER A 230 14.20 -23.15 4.29
N LEU A 231 13.11 -23.51 4.92
N LEU A 231 15.40 -22.98 3.75
CA LEU A 231 13.53 -22.39 4.06
CA LEU A 231 15.60 -22.09 2.62
C LEU A 231 14.37 -22.82 2.84
C LEU A 231 15.00 -22.73 1.38
N TRP A 232 14.12 -24.04 2.37
N TRP A 232 14.85 -24.05 1.45
CA TRP A 232 14.41 -24.38 0.98
CA TRP A 232 14.36 -24.82 0.30
C TRP A 232 13.04 -24.26 0.33
C TRP A 232 12.84 -24.75 0.10
N ASP A 233 12.07 -24.57 1.17
CA ASP A 233 10.64 -24.40 0.95
C ASP A 233 10.28 -23.00 0.51
N ALA A 234 11.05 -22.01 0.98
CA ALA A 234 10.79 -20.62 0.62
C ALA A 234 11.00 -20.41 -0.89
N VAL A 235 12.07 -20.99 -1.42
CA VAL A 235 12.36 -20.90 -2.84
C VAL A 235 11.24 -21.49 -3.69
N LYS A 236 10.66 -22.59 -3.22
CA LYS A 236 9.60 -23.27 -3.95
C LYS A 236 8.31 -22.45 -3.99
N ALA A 237 8.21 -21.42 -3.17
CA ALA A 237 7.02 -20.58 -3.14
C ALA A 237 7.03 -19.52 -4.24
N VAL A 238 8.21 -19.28 -4.81
CA VAL A 238 8.41 -18.20 -5.76
C VAL A 238 7.56 -18.31 -7.03
N PRO A 239 7.47 -19.50 -7.65
CA PRO A 239 6.55 -19.54 -8.79
C PRO A 239 5.09 -19.29 -8.40
N ASP A 240 4.69 -19.68 -7.20
CA ASP A 240 3.33 -19.45 -6.74
C ASP A 240 3.02 -17.95 -6.70
N LEU A 241 3.96 -17.18 -6.16
CA LEU A 241 3.81 -15.74 -6.07
C LEU A 241 3.72 -15.08 -7.45
N LEU A 242 4.52 -15.59 -8.39
CA LEU A 242 4.56 -15.03 -9.74
C LEU A 242 3.27 -15.24 -10.52
N LYS A 243 2.62 -16.37 -10.27
CA LYS A 243 1.39 -16.68 -10.97
C LYS A 243 0.24 -15.84 -10.43
N GLY A 244 0.44 -15.30 -9.22
CA GLY A 244 -0.61 -14.57 -8.53
C GLY A 244 -1.29 -15.45 -7.50
N VAL A 245 -1.39 -14.95 -6.27
CA VAL A 245 -1.90 -15.74 -5.17
C VAL A 245 -3.42 -15.67 -5.05
N ASP A 246 -4.09 -16.78 -5.36
CA ASP A 246 -5.55 -16.84 -5.26
C ASP A 246 -6.01 -18.07 -4.48
N GLN A 247 -5.04 -18.80 -3.93
CA GLN A 247 -5.33 -20.02 -3.20
C GLN A 247 -4.11 -20.48 -2.42
N SER A 248 -4.33 -21.32 -1.40
CA SER A 248 -3.20 -21.91 -0.70
C SER A 248 -2.61 -23.05 -1.53
N THR A 249 -1.30 -23.27 -1.37
CA THR A 249 -0.58 -24.27 -2.13
C THR A 249 0.28 -25.09 -1.18
N ASP A 250 1.16 -25.90 -1.73
CA ASP A 250 2.13 -26.64 -0.93
C ASP A 250 3.15 -25.69 -0.29
N ASN A 251 3.27 -24.48 -0.82
CA ASN A 251 4.36 -23.59 -0.41
C ASN A 251 3.91 -22.32 0.28
N LEU A 252 2.63 -21.99 0.17
CA LEU A 252 2.12 -20.79 0.81
C LEU A 252 0.64 -20.91 1.16
N VAL A 253 0.21 -20.04 2.06
CA VAL A 253 -1.17 -20.01 2.50
C VAL A 253 -1.75 -18.65 2.17
N TYR A 254 -2.99 -18.66 1.69
CA TYR A 254 -3.71 -17.44 1.34
C TYR A 254 -5.01 -17.38 2.14
N LEU A 255 -5.18 -16.31 2.92
CA LEU A 255 -6.38 -16.14 3.74
C LEU A 255 -6.92 -14.72 3.62
N THR A 256 -8.20 -14.53 3.88
CA THR A 256 -8.76 -13.19 3.98
C THR A 256 -9.44 -13.06 5.33
N PHE A 257 -9.46 -11.84 5.85
CA PHE A 257 -10.08 -11.58 7.15
C PHE A 257 -10.46 -10.11 7.27
N LYS A 258 -11.33 -9.80 8.24
CA LYS A 258 -11.74 -8.41 8.47
C LYS A 258 -11.00 -7.82 9.66
N GLU A 259 -10.78 -8.65 10.67
CA GLU A 259 -10.13 -8.17 11.87
C GLU A 259 -9.28 -9.27 12.46
N GLY A 260 -8.08 -8.92 12.91
CA GLY A 260 -7.20 -9.94 13.43
C GLY A 260 -5.99 -9.40 14.14
N THR A 261 -5.36 -10.27 14.93
CA THR A 261 -4.16 -9.90 15.67
C THR A 261 -3.04 -10.88 15.32
N ILE A 262 -1.87 -10.32 15.01
CA ILE A 262 -0.69 -11.15 14.76
C ILE A 262 0.33 -10.91 15.86
N SER A 263 0.78 -11.99 16.48
CA SER A 263 1.75 -11.91 17.56
C SER A 263 2.82 -12.99 17.44
N LEU A 264 3.80 -12.95 18.32
CA LEU A 264 4.85 -13.96 18.37
C LEU A 264 4.67 -14.85 19.59
N GLU A 265 4.89 -16.16 19.42
CA GLU A 265 4.74 -17.09 20.53
C GLU A 265 5.98 -17.12 21.39
N ASN A 266 7.12 -16.81 20.78
CA ASN A 266 8.33 -16.49 21.52
C ASN A 266 8.65 -15.03 21.26
N GLN A 267 8.20 -14.16 22.17
CA GLN A 267 8.25 -12.73 21.92
C GLN A 267 9.67 -12.27 21.65
N GLU A 268 9.81 -11.63 20.50
CA GLU A 268 11.07 -11.11 20.03
C GLU A 268 10.74 -9.73 19.48
N GLU A 269 11.70 -8.82 19.45
CA GLU A 269 11.45 -7.53 18.86
C GLU A 269 11.37 -7.69 17.34
N LEU A 270 10.15 -7.70 16.81
CA LEU A 270 9.96 -7.78 15.38
C LEU A 270 9.12 -6.61 14.88
N THR A 271 9.73 -5.79 14.03
CA THR A 271 9.09 -4.59 13.53
C THR A 271 8.50 -4.83 12.14
N THR A 272 7.32 -4.27 11.88
CA THR A 272 6.70 -4.42 10.58
C THR A 272 7.18 -3.37 9.58
N ASN A 273 6.90 -3.65 8.31
CA ASN A 273 7.12 -2.67 7.26
C ASN A 273 5.76 -2.32 6.67
N VAL A 274 5.41 -1.04 6.76
CA VAL A 274 4.05 -0.63 6.42
C VAL A 274 4.08 0.38 5.27
N ASP A 275 3.56 -0.04 4.13
CA ASP A 275 3.61 0.76 2.90
C ASP A 275 5.01 1.26 2.60
N GLY A 276 6.00 0.39 2.79
CA GLY A 276 7.38 0.74 2.50
C GLY A 276 8.16 1.42 3.63
N ASP A 277 7.51 1.67 4.76
CA ASP A 277 8.19 2.31 5.88
C ASP A 277 8.11 1.48 7.16
N GLU A 278 9.12 1.59 8.01
CA GLU A 278 9.14 0.88 9.28
C GLU A 278 7.92 1.26 10.12
N GLY A 279 7.17 0.25 10.57
CA GLY A 279 5.93 0.48 11.27
C GLY A 279 5.91 -0.10 12.68
N ALA A 280 4.72 -0.40 13.17
CA ALA A 280 4.53 -0.90 14.54
C ALA A 280 5.23 -2.24 14.76
N ALA A 281 5.70 -2.46 15.99
CA ALA A 281 6.26 -3.76 16.36
C ALA A 281 5.13 -4.71 16.76
N LEU A 282 5.38 -6.01 16.67
CA LEU A 282 4.40 -6.99 17.11
C LEU A 282 4.27 -6.89 18.63
N PRO A 283 3.05 -7.12 19.16
CA PRO A 283 1.88 -7.58 18.42
C PRO A 283 1.13 -6.45 17.71
N ILE A 284 0.45 -6.80 16.63
CA ILE A 284 -0.33 -5.83 15.88
C ILE A 284 -1.76 -6.31 15.71
N THR A 285 -2.70 -5.39 15.78
CA THR A 285 -4.09 -5.70 15.51
C THR A 285 -4.47 -4.99 14.22
N LEU A 286 -4.91 -5.77 13.23
CA LEU A 286 -5.23 -5.26 11.90
C LEU A 286 -6.74 -5.29 11.68
N LYS A 287 -7.26 -4.21 11.11
N LYS A 287 -7.30 -4.21 11.12
CA LYS A 287 -8.68 -4.10 10.84
CA LYS A 287 -8.72 -4.23 10.83
C LYS A 287 -8.91 -3.48 9.46
C LYS A 287 -9.10 -3.36 9.63
N ILE A 288 -9.96 -3.92 8.80
CA ILE A 288 -10.38 -3.27 7.56
C ILE A 288 -11.35 -2.15 7.91
N LEU A 289 -11.20 -1.01 7.23
CA LEU A 289 -12.21 0.05 7.28
C LEU A 289 -12.89 0.04 5.92
N PRO A 290 -14.00 -0.70 5.80
CA PRO A 290 -14.56 -0.95 4.47
C PRO A 290 -15.17 0.30 3.84
N LYS A 291 -14.90 0.51 2.55
CA LYS A 291 -15.49 1.61 1.79
C LYS A 291 -15.35 2.91 2.58
N HIS A 292 -14.16 3.15 3.10
CA HIS A 292 -13.92 4.23 4.05
C HIS A 292 -13.79 5.59 3.40
N LEU A 293 -13.21 5.63 2.20
CA LEU A 293 -13.04 6.88 1.48
C LEU A 293 -13.73 6.85 0.13
N THR A 294 -14.08 8.03 -0.37
CA THR A 294 -14.51 8.16 -1.76
C THR A 294 -13.31 8.67 -2.55
N VAL A 295 -12.89 7.90 -3.54
N VAL A 295 -12.91 7.92 -3.55
CA VAL A 295 -11.72 8.25 -4.32
CA VAL A 295 -11.71 8.27 -4.31
C VAL A 295 -12.09 8.46 -5.77
C VAL A 295 -12.03 8.41 -5.80
N TYR A 296 -11.47 9.44 -6.40
CA TYR A 296 -11.63 9.67 -7.82
C TYR A 296 -10.85 8.60 -8.57
N CYS A 297 -11.49 7.93 -9.52
CA CYS A 297 -10.85 6.78 -10.15
C CYS A 297 -10.83 6.87 -11.66
N GLY A 298 -10.41 5.79 -12.30
CA GLY A 298 -10.33 5.73 -13.76
C GLY A 298 -11.67 5.43 -14.40
N GLU A 299 -11.71 5.46 -15.73
CA GLU A 299 -12.95 5.25 -16.46
C GLU A 299 -13.23 3.78 -16.76
N GLU A 300 -12.41 2.90 -16.17
CA GLU A 300 -12.56 1.46 -16.38
C GLU A 300 -13.77 0.89 -15.63
P AMP B . 7.00 9.42 -2.01
O1P AMP B . 7.57 9.67 -3.38
O2P AMP B . 5.65 10.07 -1.80
O3P AMP B . 7.11 8.00 -1.52
O5' AMP B . 7.99 10.23 -1.06
C5' AMP B . 7.81 10.24 0.36
C4' AMP B . 9.10 10.55 1.07
O4' AMP B . 9.56 11.88 0.68
C3' AMP B . 9.01 10.57 2.60
O3' AMP B . 10.15 9.89 3.15
C2' AMP B . 9.07 12.06 2.96
O2' AMP B . 9.64 12.33 4.22
C1' AMP B . 9.94 12.61 1.83
N9 AMP B . 9.74 14.04 1.55
C8 AMP B . 8.59 14.74 1.67
N7 AMP B . 8.77 16.05 1.34
C5 AMP B . 10.06 16.20 1.00
C6 AMP B . 10.92 17.32 0.55
N6 AMP B . 10.43 18.56 0.40
N1 AMP B . 12.23 17.05 0.31
C2 AMP B . 12.74 15.82 0.46
N3 AMP B . 12.02 14.76 0.86
C4 AMP B . 10.70 14.88 1.15
C1 EDO C . 11.61 12.95 7.65
O1 EDO C . 11.84 13.50 8.96
C2 EDO C . 11.93 14.02 6.62
O2 EDO C . 11.82 13.46 5.31
#